data_6ZEX
#
_entry.id   6ZEX
#
_cell.length_a   104.094
_cell.length_b   104.094
_cell.length_c   54.835
_cell.angle_alpha   90.000
_cell.angle_beta   90.000
_cell.angle_gamma   120.000
#
_symmetry.space_group_name_H-M   'P 61'
#
loop_
_entity.id
_entity.type
_entity.pdbx_description
1 polymer 'Kelch-like ECH-associated protein 1'
2 non-polymer 'DIMETHYL SULFOXIDE'
3 non-polymer '5-cyclopropyl-1-phenyl-pyrazole-4-carboxylic acid'
4 water water
#
_entity_poly.entity_id   1
_entity_poly.type   'polypeptide(L)'
_entity_poly.pdbx_seq_one_letter_code
;GPKVGRLIYTAGGYFRQSLSYLEAYNPSNGSWLRLADLQVPRSGLAGCVVGGLLYAVGGRNNSPDGNTDSSALDCYNPMT
NQWSPCASMSVPRNRIGVGVIDGHIYAVGGSHGCIHHSSVERYEPERDEWHLVAPMLTRRIGVGVAVLNRLLYAVGGFDG
TNRLNSAECYYPERNEWRMITPMNTIRSGAGVCVLHNCIYAAGGYDGQDQLNSVERYDVETETWTFVAPMRHHRSALGIT
VHQGKIYVLGGYDGHTFLDSVECYDPDSDTWSEVTRMTSGRSGVGVAVTMEPCRKQIDQQNCTC
;
_entity_poly.pdbx_strand_id   A
#
loop_
_chem_comp.id
_chem_comp.type
_chem_comp.name
_chem_comp.formula
DMS non-polymer 'DIMETHYL SULFOXIDE' 'C2 H6 O S'
QHN non-polymer '5-cyclopropyl-1-phenyl-pyrazole-4-carboxylic acid' 'C13 H12 N2 O2'
#
# COMPACT_ATOMS: atom_id res chain seq x y z
N GLY A 5 15.04 2.59 -7.68
CA GLY A 5 16.03 2.06 -6.77
C GLY A 5 16.52 0.69 -7.19
N ARG A 6 16.76 -0.20 -6.24
CA ARG A 6 17.33 -1.50 -6.55
C ARG A 6 16.59 -2.62 -5.82
N LEU A 7 16.08 -2.38 -4.60
CA LEU A 7 15.50 -3.45 -3.80
C LEU A 7 14.02 -3.18 -3.47
N ILE A 8 13.26 -4.26 -3.38
CA ILE A 8 11.88 -4.19 -2.92
C ILE A 8 11.87 -4.47 -1.43
N TYR A 9 11.51 -3.47 -0.63
CA TYR A 9 11.46 -3.60 0.83
C TYR A 9 10.05 -3.92 1.29
N THR A 10 9.91 -4.93 2.14
CA THR A 10 8.62 -5.28 2.71
C THR A 10 8.72 -5.11 4.22
N ALA A 11 7.78 -4.35 4.79
CA ALA A 11 7.79 -4.00 6.20
C ALA A 11 6.51 -4.46 6.88
N GLY A 12 6.68 -5.05 8.08
CA GLY A 12 5.53 -5.38 8.89
C GLY A 12 4.74 -6.54 8.30
N GLY A 13 3.43 -6.52 8.55
CA GLY A 13 2.53 -7.55 8.08
C GLY A 13 1.86 -8.25 9.23
N TYR A 14 1.20 -9.37 8.92
CA TYR A 14 0.39 -10.10 9.90
C TYR A 14 0.40 -11.59 9.59
N PHE A 15 0.68 -12.40 10.61
CA PHE A 15 0.46 -13.84 10.60
C PHE A 15 0.26 -14.20 12.07
N ARG A 16 -0.97 -14.54 12.46
CA ARG A 16 -1.34 -14.79 13.86
C ARG A 16 -1.35 -13.49 14.68
N GLN A 17 -0.30 -12.69 14.55
CA GLN A 17 -0.22 -11.38 15.16
C GLN A 17 0.49 -10.43 14.19
N SER A 18 0.47 -9.14 14.53
CA SER A 18 1.20 -8.16 13.75
C SER A 18 2.70 -8.46 13.86
N LEU A 19 3.44 -8.10 12.83
CA LEU A 19 4.84 -8.44 12.67
C LEU A 19 5.73 -7.20 12.55
N SER A 20 7.00 -7.39 12.86
CA SER A 20 7.98 -6.31 12.83
CA SER A 20 7.98 -6.31 12.83
C SER A 20 9.03 -6.48 11.74
N TYR A 21 8.87 -7.47 10.86
CA TYR A 21 9.90 -7.78 9.87
C TYR A 21 10.13 -6.61 8.93
N LEU A 22 11.40 -6.37 8.63
CA LEU A 22 11.80 -5.62 7.46
C LEU A 22 12.73 -6.52 6.68
N GLU A 23 12.35 -6.83 5.45
CA GLU A 23 13.18 -7.65 4.57
C GLU A 23 13.18 -7.05 3.17
N ALA A 24 14.27 -7.27 2.44
CA ALA A 24 14.49 -6.60 1.17
C ALA A 24 14.84 -7.64 0.14
N TYR A 25 14.12 -7.62 -0.99
CA TYR A 25 14.26 -8.58 -2.08
C TYR A 25 14.94 -7.94 -3.28
N ASN A 26 15.91 -8.64 -3.86
CA ASN A 26 16.71 -8.15 -4.97
C ASN A 26 16.28 -8.86 -6.26
N PRO A 27 15.51 -8.22 -7.14
CA PRO A 27 15.05 -8.91 -8.34
C PRO A 27 16.18 -9.32 -9.26
N SER A 28 17.34 -8.70 -9.12
CA SER A 28 18.46 -9.04 -10.00
C SER A 28 19.05 -10.42 -9.70
N ASN A 29 18.97 -10.88 -8.45
CA ASN A 29 19.60 -12.16 -8.10
C ASN A 29 18.78 -13.09 -7.21
N GLY A 30 17.52 -12.76 -6.93
CA GLY A 30 16.65 -13.63 -6.17
C GLY A 30 16.84 -13.66 -4.67
N SER A 31 17.77 -12.88 -4.12
CA SER A 31 18.10 -12.98 -2.71
C SER A 31 17.20 -12.12 -1.84
N TRP A 32 16.98 -12.59 -0.61
CA TRP A 32 16.31 -11.85 0.43
C TRP A 32 17.30 -11.51 1.55
N LEU A 33 17.15 -10.31 2.11
CA LEU A 33 17.89 -9.91 3.31
C LEU A 33 16.90 -9.60 4.43
N ARG A 34 17.22 -10.06 5.65
CA ARG A 34 16.47 -9.60 6.82
C ARG A 34 17.20 -8.39 7.43
N LEU A 35 16.49 -7.29 7.55
CA LEU A 35 16.98 -6.02 8.07
C LEU A 35 16.34 -5.71 9.44
N ALA A 36 16.68 -4.52 9.96
CA ALA A 36 16.33 -4.18 11.34
C ALA A 36 14.81 -4.17 11.51
N ASP A 37 14.33 -4.84 12.55
CA ASP A 37 12.91 -4.88 12.87
C ASP A 37 12.36 -3.47 13.04
N LEU A 38 11.08 -3.30 12.70
CA LEU A 38 10.35 -2.12 13.13
C LEU A 38 10.40 -2.06 14.65
N GLN A 39 10.38 -0.83 15.20
CA GLN A 39 10.31 -0.68 16.65
C GLN A 39 9.00 -1.22 17.19
N VAL A 40 7.91 -1.07 16.46
CA VAL A 40 6.60 -1.54 16.91
C VAL A 40 5.99 -2.46 15.86
N PRO A 41 5.53 -3.65 16.22
CA PRO A 41 4.86 -4.49 15.23
C PRO A 41 3.64 -3.78 14.67
N ARG A 42 3.39 -3.95 13.37
CA ARG A 42 2.20 -3.37 12.78
C ARG A 42 1.87 -4.08 11.47
N SER A 43 0.59 -4.35 11.28
CA SER A 43 0.01 -4.74 10.00
C SER A 43 -0.88 -3.61 9.50
N GLY A 44 -1.32 -3.75 8.25
CA GLY A 44 -2.21 -2.74 7.73
C GLY A 44 -1.54 -1.40 7.56
N LEU A 45 -0.23 -1.37 7.50
CA LEU A 45 0.47 -0.12 7.29
C LEU A 45 0.69 0.06 5.79
N ALA A 46 1.37 1.16 5.43
CA ALA A 46 1.81 1.44 4.07
C ALA A 46 3.26 1.87 4.08
N GLY A 47 3.97 1.54 3.02
CA GLY A 47 5.34 2.00 2.84
C GLY A 47 5.45 2.95 1.68
N CYS A 48 6.46 3.81 1.67
CA CYS A 48 6.73 4.73 0.58
C CYS A 48 8.14 5.21 0.78
N VAL A 49 8.72 5.84 -0.24
CA VAL A 49 10.11 6.30 -0.21
C VAL A 49 10.17 7.76 -0.63
N VAL A 50 10.90 8.58 0.14
CA VAL A 50 11.15 9.97 -0.24
C VAL A 50 12.62 10.28 0.01
N GLY A 51 13.31 10.79 -1.00
CA GLY A 51 14.73 11.09 -0.89
C GLY A 51 15.59 9.92 -0.45
N GLY A 52 15.28 8.73 -0.92
CA GLY A 52 16.04 7.56 -0.55
C GLY A 52 15.78 7.00 0.84
N LEU A 53 15.01 7.69 1.68
CA LEU A 53 14.59 7.16 2.97
C LEU A 53 13.29 6.39 2.81
N LEU A 54 13.17 5.29 3.53
CA LEU A 54 11.95 4.50 3.51
C LEU A 54 11.08 4.90 4.69
N TYR A 55 9.79 5.03 4.47
CA TYR A 55 8.86 5.40 5.52
C TYR A 55 7.81 4.31 5.75
N ALA A 56 7.47 4.08 7.02
CA ALA A 56 6.36 3.21 7.39
C ALA A 56 5.31 4.06 8.07
N VAL A 57 4.05 3.91 7.64
CA VAL A 57 2.99 4.86 7.98
C VAL A 57 1.77 4.09 8.51
N GLY A 58 1.35 4.41 9.72
CA GLY A 58 0.07 3.93 10.13
C GLY A 58 0.09 2.44 10.44
N GLY A 59 -1.11 1.84 10.34
CA GLY A 59 -1.28 0.42 10.64
C GLY A 59 -1.87 0.14 12.03
N ARG A 60 -1.59 -1.05 12.56
CA ARG A 60 -2.16 -1.45 13.84
C ARG A 60 -1.33 -2.59 14.39
N ASN A 61 -1.12 -2.55 15.69
CA ASN A 61 -0.44 -3.64 16.37
C ASN A 61 -1.49 -4.57 16.92
N ASN A 62 -1.71 -5.70 16.24
CA ASN A 62 -2.58 -6.78 16.70
C ASN A 62 -1.72 -7.73 17.51
N SER A 63 -1.90 -7.74 18.83
CA SER A 63 -1.01 -8.50 19.69
C SER A 63 -1.82 -9.19 20.78
N PRO A 64 -1.23 -10.18 21.45
CA PRO A 64 -1.90 -10.76 22.63
C PRO A 64 -2.05 -9.75 23.77
N ASP A 65 -1.10 -8.83 23.91
CA ASP A 65 -1.18 -7.77 24.91
C ASP A 65 -2.32 -6.80 24.62
N GLY A 66 -2.83 -6.77 23.40
CA GLY A 66 -3.87 -5.81 23.04
C GLY A 66 -3.74 -5.29 21.62
N ASN A 67 -4.63 -4.40 21.22
CA ASN A 67 -4.69 -3.93 19.84
C ASN A 67 -4.67 -2.42 19.81
N THR A 68 -3.69 -1.84 19.14
CA THR A 68 -3.45 -0.41 19.11
C THR A 68 -3.29 0.03 17.68
N ASP A 69 -4.21 0.89 17.21
CA ASP A 69 -4.06 1.50 15.91
C ASP A 69 -2.93 2.50 16.00
N SER A 70 -2.24 2.68 14.89
CA SER A 70 -1.01 3.45 14.85
C SER A 70 -1.20 4.74 14.09
N SER A 71 -0.80 5.84 14.70
CA SER A 71 -0.64 7.12 14.03
C SER A 71 0.81 7.34 13.63
N ALA A 72 1.64 6.30 13.72
CA ALA A 72 3.08 6.51 13.67
C ALA A 72 3.61 6.65 12.25
N LEU A 73 4.67 7.45 12.13
CA LEU A 73 5.45 7.59 10.93
C LEU A 73 6.88 7.28 11.35
N ASP A 74 7.44 6.22 10.80
CA ASP A 74 8.80 5.84 11.10
C ASP A 74 9.64 5.80 9.84
N CYS A 75 10.91 6.11 10.01
CA CYS A 75 11.79 6.37 8.89
C CYS A 75 12.99 5.46 8.99
N TYR A 76 13.32 4.77 7.88
CA TYR A 76 14.41 3.80 7.85
C TYR A 76 15.45 4.27 6.85
N ASN A 77 16.71 4.40 7.30
CA ASN A 77 17.79 4.87 6.43
C ASN A 77 18.57 3.66 5.99
N PRO A 78 18.53 3.27 4.70
CA PRO A 78 19.32 2.11 4.28
C PRO A 78 20.79 2.22 4.61
N MET A 79 21.37 3.43 4.62
CA MET A 79 22.80 3.54 4.88
C MET A 79 23.15 3.04 6.28
N THR A 80 22.29 3.35 7.26
CA THR A 80 22.57 3.03 8.66
C THR A 80 21.84 1.78 9.13
N ASN A 81 20.83 1.33 8.39
CA ASN A 81 20.03 0.19 8.81
C ASN A 81 19.37 0.46 10.16
N GLN A 82 18.90 1.69 10.37
CA GLN A 82 18.25 2.06 11.62
C GLN A 82 16.93 2.79 11.35
N TRP A 83 15.94 2.48 12.17
CA TRP A 83 14.67 3.19 12.18
C TRP A 83 14.73 4.37 13.16
N SER A 84 14.12 5.48 12.77
CA SER A 84 13.97 6.64 13.64
C SER A 84 12.50 7.05 13.65
N PRO A 85 11.94 7.44 14.80
CA PRO A 85 10.58 7.99 14.78
C PRO A 85 10.55 9.37 14.11
N CYS A 86 9.51 9.60 13.32
CA CYS A 86 9.19 10.89 12.76
C CYS A 86 7.89 11.35 13.41
N ALA A 87 7.45 12.54 13.03
CA ALA A 87 6.26 13.11 13.64
C ALA A 87 5.09 12.19 13.35
N SER A 88 4.25 12.01 14.35
CA SER A 88 3.02 11.25 14.23
C SER A 88 1.92 12.02 13.50
N MET A 89 1.04 11.28 12.85
CA MET A 89 -0.11 11.88 12.18
C MET A 89 -1.09 12.39 13.21
N SER A 90 -2.10 13.12 12.74
CA SER A 90 -3.13 13.64 13.62
C SER A 90 -3.98 12.56 14.26
N VAL A 91 -4.05 11.39 13.64
CA VAL A 91 -5.01 10.37 14.04
C VAL A 91 -4.47 8.98 13.68
N PRO A 92 -4.78 7.93 14.43
CA PRO A 92 -4.36 6.59 14.01
C PRO A 92 -5.08 6.22 12.73
N ARG A 93 -4.36 5.53 11.82
CA ARG A 93 -4.88 5.08 10.51
C ARG A 93 -4.46 3.63 10.22
N ASN A 94 -5.28 2.68 10.66
CA ASN A 94 -5.11 1.29 10.25
C ASN A 94 -5.68 1.08 8.85
N ARG A 95 -5.01 0.24 8.08
CA ARG A 95 -5.47 -0.10 6.74
C ARG A 95 -5.47 1.15 5.88
N ILE A 96 -4.37 1.90 5.96
CA ILE A 96 -4.15 3.18 5.33
C ILE A 96 -3.67 3.00 3.89
N GLY A 97 -3.82 4.05 3.09
CA GLY A 97 -3.10 4.17 1.83
C GLY A 97 -2.27 5.45 1.85
N VAL A 98 -1.14 5.39 1.16
CA VAL A 98 -0.24 6.52 1.00
C VAL A 98 0.21 6.75 -0.45
N GLY A 99 0.54 8.00 -0.76
CA GLY A 99 1.12 8.34 -2.04
C GLY A 99 2.04 9.52 -1.82
N VAL A 100 3.05 9.63 -2.67
CA VAL A 100 4.04 10.71 -2.58
C VAL A 100 3.90 11.63 -3.78
N ILE A 101 3.77 12.94 -3.54
CA ILE A 101 3.81 13.94 -4.59
C ILE A 101 4.79 15.04 -4.22
N ASP A 102 5.69 15.37 -5.12
CA ASP A 102 6.59 16.50 -4.93
C ASP A 102 7.27 16.42 -3.56
N GLY A 103 7.72 15.24 -3.20
CA GLY A 103 8.47 15.08 -1.97
C GLY A 103 7.64 15.06 -0.71
N HIS A 104 6.32 15.05 -0.83
CA HIS A 104 5.41 15.09 0.30
C HIS A 104 4.64 13.80 0.31
N ILE A 105 4.36 13.32 1.51
CA ILE A 105 3.65 12.08 1.72
C ILE A 105 2.19 12.39 2.04
N TYR A 106 1.27 11.77 1.32
CA TYR A 106 -0.15 11.87 1.65
C TYR A 106 -0.63 10.58 2.31
N ALA A 107 -1.23 10.75 3.48
CA ALA A 107 -1.86 9.69 4.25
C ALA A 107 -3.36 9.75 4.06
N VAL A 108 -3.96 8.65 3.63
CA VAL A 108 -5.34 8.66 3.17
C VAL A 108 -6.14 7.62 3.92
N GLY A 109 -7.24 8.05 4.52
CA GLY A 109 -8.22 7.12 5.02
C GLY A 109 -7.68 6.28 6.16
N GLY A 110 -8.16 5.01 6.24
CA GLY A 110 -7.82 4.11 7.31
C GLY A 110 -8.83 4.18 8.46
N SER A 111 -8.65 3.28 9.42
CA SER A 111 -9.58 3.14 10.53
C SER A 111 -8.87 3.44 11.85
N HIS A 112 -9.67 3.84 12.83
CA HIS A 112 -9.22 4.00 14.21
C HIS A 112 -10.39 3.46 15.03
N GLY A 113 -10.24 2.23 15.56
CA GLY A 113 -11.40 1.59 16.17
C GLY A 113 -12.51 1.47 15.15
N CYS A 114 -13.75 1.77 15.52
CA CYS A 114 -14.85 1.75 14.57
C CYS A 114 -14.99 3.03 13.74
N ILE A 115 -14.02 3.94 13.80
CA ILE A 115 -14.06 5.15 12.97
C ILE A 115 -13.40 4.87 11.63
N HIS A 116 -14.12 5.14 10.56
CA HIS A 116 -13.60 4.99 9.21
C HIS A 116 -13.33 6.40 8.67
N HIS A 117 -12.07 6.70 8.43
CA HIS A 117 -11.68 8.06 8.07
C HIS A 117 -11.97 8.36 6.60
N SER A 118 -12.54 9.56 6.35
CA SER A 118 -12.44 10.25 5.07
C SER A 118 -11.29 11.23 5.04
N SER A 119 -10.62 11.47 6.16
CA SER A 119 -9.64 12.55 6.28
C SER A 119 -8.31 12.17 5.63
N VAL A 120 -7.54 13.20 5.30
CA VAL A 120 -6.31 13.11 4.52
C VAL A 120 -5.35 14.13 5.10
N GLU A 121 -4.08 13.75 5.23
CA GLU A 121 -3.09 14.70 5.71
C GLU A 121 -1.79 14.52 4.97
N ARG A 122 -0.96 15.56 5.01
CA ARG A 122 0.23 15.64 4.17
C ARG A 122 1.45 15.90 5.02
N TYR A 123 2.50 15.07 4.86
CA TYR A 123 3.75 15.21 5.59
C TYR A 123 4.79 15.89 4.74
N GLU A 124 5.55 16.83 5.34
CA GLU A 124 6.65 17.53 4.73
C GLU A 124 7.94 17.15 5.43
N PRO A 125 8.75 16.29 4.82
CA PRO A 125 9.98 15.85 5.51
C PRO A 125 10.88 16.98 5.93
N GLU A 126 10.91 18.07 5.18
CA GLU A 126 11.85 19.16 5.46
C GLU A 126 11.49 19.85 6.76
N ARG A 127 10.25 19.76 7.19
CA ARG A 127 9.79 20.35 8.44
C ARG A 127 9.38 19.31 9.49
N ASP A 128 9.42 18.03 9.18
CA ASP A 128 8.91 16.98 10.06
C ASP A 128 7.55 17.37 10.65
N GLU A 129 6.56 17.61 9.79
CA GLU A 129 5.27 18.09 10.23
C GLU A 129 4.19 17.61 9.27
N TRP A 130 3.03 17.32 9.82
CA TRP A 130 1.84 16.92 9.11
C TRP A 130 0.81 18.06 9.14
N HIS A 131 0.03 18.16 8.08
CA HIS A 131 -1.10 19.09 8.04
C HIS A 131 -2.26 18.42 7.31
N LEU A 132 -3.47 18.64 7.80
CA LEU A 132 -4.65 18.10 7.13
C LEU A 132 -4.91 18.84 5.81
N VAL A 133 -5.47 18.12 4.84
CA VAL A 133 -5.96 18.73 3.62
C VAL A 133 -7.44 18.38 3.50
N ALA A 134 -8.04 18.68 2.36
CA ALA A 134 -9.45 18.37 2.17
C ALA A 134 -9.68 16.87 2.33
N PRO A 135 -10.79 16.45 2.97
CA PRO A 135 -11.08 15.02 3.07
C PRO A 135 -11.62 14.47 1.76
N MET A 136 -11.50 13.16 1.61
CA MET A 136 -12.14 12.49 0.51
C MET A 136 -13.65 12.69 0.58
N LEU A 137 -14.33 12.42 -0.54
CA LEU A 137 -15.78 12.43 -0.56
C LEU A 137 -16.38 11.19 0.07
N THR A 138 -15.56 10.19 0.35
CA THR A 138 -16.01 8.91 0.88
C THR A 138 -15.06 8.45 1.98
N ARG A 139 -15.60 7.89 3.03
CA ARG A 139 -14.77 7.22 4.02
C ARG A 139 -14.20 5.95 3.40
N ARG A 140 -12.91 5.73 3.55
CA ARG A 140 -12.28 4.57 2.93
C ARG A 140 -11.20 4.03 3.85
N ILE A 141 -11.34 2.75 4.22
CA ILE A 141 -10.26 1.96 4.80
C ILE A 141 -9.97 0.82 3.83
N GLY A 142 -8.77 0.26 3.95
CA GLY A 142 -8.35 -0.71 2.96
C GLY A 142 -8.31 -0.13 1.57
N VAL A 143 -7.98 1.16 1.48
CA VAL A 143 -8.02 1.93 0.25
C VAL A 143 -6.69 1.81 -0.50
N GLY A 144 -6.77 1.65 -1.81
CA GLY A 144 -5.58 1.69 -2.61
C GLY A 144 -5.29 3.13 -3.03
N VAL A 145 -4.00 3.48 -3.01
CA VAL A 145 -3.58 4.83 -3.34
C VAL A 145 -2.43 4.79 -4.35
N ALA A 146 -2.52 5.67 -5.35
CA ALA A 146 -1.46 5.76 -6.33
C ALA A 146 -1.37 7.21 -6.82
N VAL A 147 -0.21 7.58 -7.33
CA VAL A 147 0.07 8.91 -7.89
C VAL A 147 0.43 8.78 -9.37
N LEU A 148 -0.19 9.61 -10.19
CA LEU A 148 0.14 9.66 -11.60
C LEU A 148 0.00 11.11 -12.06
N ASN A 149 1.03 11.62 -12.72
CA ASN A 149 1.04 12.99 -13.23
C ASN A 149 0.69 13.99 -12.14
N ARG A 150 1.23 13.75 -10.94
CA ARG A 150 1.08 14.62 -9.78
C ARG A 150 -0.37 14.78 -9.39
N LEU A 151 -1.19 13.80 -9.68
CA LEU A 151 -2.52 13.69 -9.10
C LEU A 151 -2.58 12.43 -8.24
N LEU A 152 -3.43 12.45 -7.22
CA LEU A 152 -3.50 11.43 -6.17
C LEU A 152 -4.84 10.74 -6.29
N TYR A 153 -4.83 9.42 -6.35
CA TYR A 153 -6.03 8.63 -6.56
C TYR A 153 -6.26 7.74 -5.34
N ALA A 154 -7.51 7.68 -4.89
CA ALA A 154 -7.97 6.77 -3.84
C ALA A 154 -8.97 5.81 -4.46
N VAL A 155 -8.72 4.51 -4.29
CA VAL A 155 -9.41 3.47 -5.04
C VAL A 155 -9.99 2.41 -4.11
N GLY A 156 -11.29 2.21 -4.19
CA GLY A 156 -11.91 1.12 -3.47
C GLY A 156 -11.90 1.31 -1.95
N GLY A 157 -11.97 0.17 -1.25
CA GLY A 157 -11.93 0.14 0.20
C GLY A 157 -13.28 -0.15 0.83
N PHE A 158 -13.42 0.24 2.10
CA PHE A 158 -14.61 -0.02 2.89
C PHE A 158 -14.98 1.27 3.64
N ASP A 159 -16.21 1.71 3.48
CA ASP A 159 -16.64 2.99 4.07
C ASP A 159 -17.27 2.85 5.45
N GLY A 160 -17.31 1.65 6.01
CA GLY A 160 -17.98 1.38 7.27
C GLY A 160 -19.15 0.45 7.11
N THR A 161 -19.83 0.51 5.98
CA THR A 161 -20.99 -0.35 5.75
C THR A 161 -20.84 -1.22 4.51
N ASN A 162 -20.27 -0.68 3.43
CA ASN A 162 -20.14 -1.40 2.16
C ASN A 162 -18.72 -1.35 1.63
N ARG A 163 -18.26 -2.45 1.05
CA ARG A 163 -17.06 -2.40 0.22
C ARG A 163 -17.39 -1.70 -1.08
N LEU A 164 -16.36 -1.14 -1.72
CA LEU A 164 -16.54 -0.11 -2.73
C LEU A 164 -15.82 -0.46 -4.02
N ASN A 165 -16.49 -0.18 -5.14
CA ASN A 165 -15.83 -0.10 -6.44
C ASN A 165 -15.55 1.33 -6.85
N SER A 166 -15.97 2.31 -6.04
CA SER A 166 -15.79 3.72 -6.36
C SER A 166 -14.33 4.13 -6.22
N ALA A 167 -13.99 5.24 -6.87
CA ALA A 167 -12.66 5.82 -6.81
C ALA A 167 -12.77 7.33 -6.99
N GLU A 168 -11.75 8.05 -6.51
CA GLU A 168 -11.75 9.51 -6.62
C GLU A 168 -10.32 10.03 -6.71
N CYS A 169 -10.19 11.28 -7.09
CA CYS A 169 -8.92 11.88 -7.46
C CYS A 169 -8.78 13.21 -6.74
N TYR A 170 -7.59 13.47 -6.20
CA TYR A 170 -7.29 14.69 -5.48
C TYR A 170 -6.42 15.60 -6.34
N TYR A 171 -6.83 16.87 -6.42
CA TYR A 171 -6.17 17.87 -7.25
C TYR A 171 -5.48 18.89 -6.37
N PRO A 172 -4.17 18.77 -6.15
CA PRO A 172 -3.55 19.50 -5.04
C PRO A 172 -3.68 21.01 -5.15
N GLU A 173 -3.49 21.57 -6.34
CA GLU A 173 -3.58 23.02 -6.47
C GLU A 173 -4.98 23.54 -6.21
N ARG A 174 -5.99 22.69 -6.20
CA ARG A 174 -7.34 23.11 -5.90
C ARG A 174 -7.79 22.62 -4.54
N ASN A 175 -7.00 21.76 -3.91
CA ASN A 175 -7.36 21.15 -2.63
C ASN A 175 -8.76 20.59 -2.70
N GLU A 176 -9.00 19.77 -3.71
CA GLU A 176 -10.34 19.32 -4.02
C GLU A 176 -10.26 17.88 -4.49
N TRP A 177 -11.25 17.09 -4.04
CA TRP A 177 -11.45 15.70 -4.45
C TRP A 177 -12.63 15.61 -5.41
N ARG A 178 -12.46 14.78 -6.46
CA ARG A 178 -13.53 14.50 -7.43
C ARG A 178 -13.59 13.01 -7.71
N MET A 179 -14.82 12.48 -7.86
CA MET A 179 -14.99 11.09 -8.25
C MET A 179 -14.46 10.86 -9.68
N ILE A 180 -13.86 9.69 -9.91
CA ILE A 180 -13.57 9.21 -11.27
C ILE A 180 -14.47 8.02 -11.54
N THR A 181 -14.36 7.48 -12.74
CA THR A 181 -15.09 6.27 -13.13
C THR A 181 -14.87 5.16 -12.12
N PRO A 182 -15.92 4.49 -11.68
CA PRO A 182 -15.72 3.39 -10.73
C PRO A 182 -15.15 2.16 -11.42
N MET A 183 -14.45 1.35 -10.64
CA MET A 183 -13.95 0.08 -11.15
C MET A 183 -15.11 -0.83 -11.57
N ASN A 184 -14.77 -1.85 -12.34
CA ASN A 184 -15.74 -2.86 -12.70
C ASN A 184 -15.97 -3.84 -11.57
N THR A 185 -15.18 -3.77 -10.50
CA THR A 185 -15.24 -4.75 -9.42
C THR A 185 -15.20 -4.04 -8.07
N ILE A 186 -15.95 -4.54 -7.09
CA ILE A 186 -15.80 -4.09 -5.73
C ILE A 186 -14.50 -4.65 -5.18
N ARG A 187 -13.63 -3.78 -4.66
CA ARG A 187 -12.36 -4.22 -4.09
C ARG A 187 -12.07 -3.46 -2.80
N SER A 188 -11.88 -4.21 -1.71
CA SER A 188 -11.33 -3.68 -0.47
C SER A 188 -10.02 -4.40 -0.19
N GLY A 189 -9.00 -3.66 0.20
CA GLY A 189 -7.72 -4.28 0.52
C GLY A 189 -7.01 -4.83 -0.70
N ALA A 190 -7.11 -4.13 -1.79
CA ALA A 190 -6.40 -4.47 -3.01
C ALA A 190 -5.01 -3.83 -3.05
N GLY A 191 -4.21 -4.26 -4.00
CA GLY A 191 -2.96 -3.55 -4.25
C GLY A 191 -3.13 -2.56 -5.39
N VAL A 192 -2.83 -1.28 -5.17
CA VAL A 192 -2.99 -0.26 -6.19
C VAL A 192 -1.63 0.37 -6.44
N CYS A 193 -1.28 0.51 -7.72
CA CYS A 193 -0.04 1.16 -8.15
C CYS A 193 -0.21 1.81 -9.52
N VAL A 194 0.87 2.37 -10.03
CA VAL A 194 0.85 3.05 -11.30
C VAL A 194 1.90 2.43 -12.19
N LEU A 195 1.55 2.25 -13.47
CA LEU A 195 2.49 1.77 -14.47
C LEU A 195 2.13 2.41 -15.80
N HIS A 196 3.09 3.08 -16.40
CA HIS A 196 2.89 3.84 -17.63
C HIS A 196 1.82 4.89 -17.36
N ASN A 197 0.67 4.84 -18.02
CA ASN A 197 -0.33 5.88 -17.84
C ASN A 197 -1.59 5.36 -17.17
N CYS A 198 -1.50 4.23 -16.46
CA CYS A 198 -2.66 3.57 -15.93
C CYS A 198 -2.50 3.31 -14.43
N ILE A 199 -3.64 3.39 -13.73
CA ILE A 199 -3.74 3.00 -12.33
C ILE A 199 -4.19 1.56 -12.29
N TYR A 200 -3.38 0.69 -11.71
CA TYR A 200 -3.69 -0.72 -11.58
C TYR A 200 -4.29 -1.05 -10.22
N ALA A 201 -5.33 -1.87 -10.22
CA ALA A 201 -5.94 -2.40 -9.00
C ALA A 201 -5.95 -3.93 -9.09
N ALA A 202 -5.18 -4.59 -8.22
CA ALA A 202 -5.01 -6.04 -8.26
C ALA A 202 -5.59 -6.65 -7.01
N GLY A 203 -6.31 -7.75 -7.16
CA GLY A 203 -6.80 -8.47 -5.99
C GLY A 203 -7.77 -7.65 -5.15
N GLY A 204 -7.79 -7.97 -3.86
CA GLY A 204 -8.71 -7.38 -2.92
C GLY A 204 -9.83 -8.35 -2.57
N TYR A 205 -10.82 -7.81 -1.84
CA TYR A 205 -11.96 -8.56 -1.33
C TYR A 205 -13.21 -7.84 -1.79
N ASP A 206 -14.15 -8.58 -2.38
CA ASP A 206 -15.34 -7.96 -2.97
C ASP A 206 -16.58 -8.10 -2.09
N GLY A 207 -16.41 -8.59 -0.86
CA GLY A 207 -17.52 -8.87 0.03
C GLY A 207 -17.77 -10.35 0.25
N GLN A 208 -17.42 -11.19 -0.72
CA GLN A 208 -17.66 -12.62 -0.62
C GLN A 208 -16.40 -13.44 -0.92
N ASP A 209 -15.53 -12.96 -1.78
CA ASP A 209 -14.38 -13.75 -2.19
C ASP A 209 -13.13 -12.89 -2.31
N GLN A 210 -11.99 -13.51 -2.05
CA GLN A 210 -10.72 -12.90 -2.44
C GLN A 210 -10.59 -12.98 -3.95
N LEU A 211 -9.95 -11.97 -4.55
CA LEU A 211 -9.91 -11.76 -5.99
C LEU A 211 -8.51 -12.06 -6.52
N ASN A 212 -8.45 -12.66 -7.72
CA ASN A 212 -7.23 -12.69 -8.52
C ASN A 212 -7.30 -11.74 -9.70
N SER A 213 -8.45 -11.10 -9.92
CA SER A 213 -8.60 -10.22 -11.07
C SER A 213 -7.80 -8.93 -10.92
N VAL A 214 -7.38 -8.41 -12.05
CA VAL A 214 -6.66 -7.15 -12.11
C VAL A 214 -7.29 -6.26 -13.17
N GLU A 215 -7.45 -4.97 -12.86
CA GLU A 215 -7.95 -4.01 -13.82
C GLU A 215 -7.19 -2.69 -13.72
N ARG A 216 -7.29 -1.86 -14.75
CA ARG A 216 -6.46 -0.68 -14.84
C ARG A 216 -7.20 0.48 -15.49
N TYR A 217 -6.91 1.67 -14.97
CA TYR A 217 -7.62 2.89 -15.31
C TYR A 217 -6.71 3.75 -16.17
N ASP A 218 -7.14 4.04 -17.39
CA ASP A 218 -6.40 4.94 -18.26
C ASP A 218 -6.90 6.36 -18.01
N VAL A 219 -6.01 7.24 -17.53
CA VAL A 219 -6.47 8.58 -17.16
C VAL A 219 -6.97 9.34 -18.37
N GLU A 220 -6.43 9.03 -19.56
CA GLU A 220 -6.88 9.73 -20.77
C GLU A 220 -8.30 9.31 -21.15
N THR A 221 -8.58 8.01 -21.16
CA THR A 221 -9.88 7.52 -21.63
C THR A 221 -10.90 7.39 -20.51
N GLU A 222 -10.44 7.38 -19.26
CA GLU A 222 -11.32 7.32 -18.09
C GLU A 222 -12.09 5.98 -18.03
N THR A 223 -11.50 4.92 -18.55
CA THR A 223 -12.14 3.61 -18.54
C THR A 223 -11.28 2.60 -17.79
N TRP A 224 -11.93 1.64 -17.17
CA TRP A 224 -11.24 0.53 -16.51
C TRP A 224 -11.29 -0.68 -17.44
N THR A 225 -10.15 -1.35 -17.62
CA THR A 225 -10.07 -2.56 -18.43
C THR A 225 -9.39 -3.68 -17.63
N PHE A 226 -9.95 -4.87 -17.66
CA PHE A 226 -9.29 -6.01 -17.03
C PHE A 226 -8.07 -6.41 -17.84
N VAL A 227 -7.00 -6.76 -17.14
CA VAL A 227 -5.86 -7.45 -17.74
C VAL A 227 -5.84 -8.92 -17.26
N ALA A 228 -4.77 -9.63 -17.56
CA ALA A 228 -4.69 -11.03 -17.13
C ALA A 228 -4.71 -11.13 -15.59
N PRO A 229 -5.36 -12.17 -15.05
CA PRO A 229 -5.49 -12.25 -13.58
C PRO A 229 -4.23 -12.83 -12.97
N MET A 230 -4.03 -12.52 -11.69
CA MET A 230 -2.94 -13.10 -10.93
C MET A 230 -3.14 -14.61 -10.82
N ARG A 231 -2.04 -15.31 -10.53
CA ARG A 231 -2.11 -16.76 -10.35
C ARG A 231 -2.82 -17.11 -9.04
N HIS A 232 -2.79 -16.21 -8.05
CA HIS A 232 -3.39 -16.51 -6.75
C HIS A 232 -4.38 -15.40 -6.37
N HIS A 233 -5.58 -15.78 -5.96
CA HIS A 233 -6.44 -14.81 -5.30
C HIS A 233 -5.76 -14.26 -4.05
N ARG A 234 -5.92 -12.95 -3.81
CA ARG A 234 -5.26 -12.24 -2.70
C ARG A 234 -6.06 -11.02 -2.25
N SER A 235 -6.20 -10.86 -0.95
CA SER A 235 -6.56 -9.60 -0.35
C SER A 235 -5.44 -9.21 0.62
N ALA A 236 -5.40 -7.93 0.99
CA ALA A 236 -4.35 -7.41 1.90
C ALA A 236 -2.95 -7.79 1.40
N LEU A 237 -2.74 -7.62 0.09
CA LEU A 237 -1.45 -7.83 -0.54
C LEU A 237 -0.62 -6.55 -0.53
N GLY A 238 0.70 -6.72 -0.58
CA GLY A 238 1.59 -5.62 -0.87
C GLY A 238 1.85 -5.57 -2.36
N ILE A 239 2.09 -4.37 -2.88
CA ILE A 239 2.30 -4.15 -4.29
C ILE A 239 3.33 -3.06 -4.48
N THR A 240 4.09 -3.18 -5.56
CA THR A 240 4.97 -2.09 -5.97
C THR A 240 5.40 -2.31 -7.42
N VAL A 241 6.09 -1.33 -7.99
CA VAL A 241 6.58 -1.33 -9.37
C VAL A 241 8.08 -1.26 -9.33
N HIS A 242 8.74 -2.04 -10.19
CA HIS A 242 10.20 -2.11 -10.21
C HIS A 242 10.57 -2.43 -11.65
N GLN A 243 11.23 -1.49 -12.33
CA GLN A 243 11.70 -1.63 -13.69
C GLN A 243 10.56 -2.08 -14.60
N GLY A 244 9.45 -1.33 -14.58
CA GLY A 244 8.41 -1.53 -15.55
C GLY A 244 7.50 -2.71 -15.32
N LYS A 245 7.61 -3.37 -14.17
CA LYS A 245 6.80 -4.53 -13.84
C LYS A 245 6.17 -4.36 -12.47
N ILE A 246 4.98 -4.89 -12.32
CA ILE A 246 4.27 -4.88 -11.04
C ILE A 246 4.68 -6.12 -10.25
N TYR A 247 4.97 -5.95 -8.96
CA TYR A 247 5.25 -7.07 -8.06
C TYR A 247 4.16 -7.05 -7.00
N VAL A 248 3.55 -8.21 -6.73
CA VAL A 248 2.59 -8.35 -5.65
C VAL A 248 3.14 -9.33 -4.63
N LEU A 249 2.97 -8.99 -3.36
CA LEU A 249 3.63 -9.70 -2.26
C LEU A 249 2.61 -10.17 -1.22
N GLY A 250 2.55 -11.46 -1.01
CA GLY A 250 1.76 -12.01 0.05
C GLY A 250 0.27 -11.75 -0.07
N GLY A 251 -0.37 -11.68 1.09
CA GLY A 251 -1.81 -11.54 1.16
C GLY A 251 -2.48 -12.80 1.68
N TYR A 252 -3.81 -12.77 1.66
CA TYR A 252 -4.63 -13.85 2.19
C TYR A 252 -5.57 -14.33 1.09
N ASP A 253 -5.61 -15.66 0.86
CA ASP A 253 -6.34 -16.21 -0.28
C ASP A 253 -7.60 -16.94 0.14
N GLY A 254 -8.07 -16.70 1.37
CA GLY A 254 -9.20 -17.41 1.91
C GLY A 254 -8.86 -18.69 2.64
N HIS A 255 -7.61 -19.13 2.57
CA HIS A 255 -7.16 -20.39 3.16
C HIS A 255 -5.75 -20.31 3.76
N THR A 256 -4.84 -19.56 3.18
CA THR A 256 -3.45 -19.51 3.60
C THR A 256 -2.99 -18.06 3.55
N PHE A 257 -2.15 -17.68 4.50
CA PHE A 257 -1.39 -16.44 4.38
C PHE A 257 -0.22 -16.70 3.45
N LEU A 258 -0.23 -16.01 2.31
CA LEU A 258 0.61 -16.37 1.18
C LEU A 258 2.02 -15.86 1.37
N ASP A 259 2.99 -16.67 0.97
CA ASP A 259 4.36 -16.21 0.78
C ASP A 259 4.66 -15.90 -0.68
N SER A 260 3.70 -16.13 -1.57
CA SER A 260 3.94 -16.00 -3.00
C SER A 260 4.16 -14.55 -3.39
N VAL A 261 5.15 -14.34 -4.25
CA VAL A 261 5.44 -13.06 -4.89
C VAL A 261 5.33 -13.26 -6.39
N GLU A 262 4.40 -12.55 -7.02
CA GLU A 262 4.15 -12.62 -8.45
C GLU A 262 4.58 -11.33 -9.13
N CYS A 263 4.87 -11.43 -10.41
CA CYS A 263 5.45 -10.34 -11.19
C CYS A 263 4.67 -10.28 -12.48
N TYR A 264 4.19 -9.09 -12.84
CA TYR A 264 3.38 -8.87 -14.03
C TYR A 264 4.17 -8.12 -15.10
N ASP A 265 4.25 -8.71 -16.29
CA ASP A 265 4.95 -8.11 -17.42
C ASP A 265 3.88 -7.53 -18.36
N PRO A 266 3.74 -6.22 -18.45
CA PRO A 266 2.61 -5.66 -19.22
C PRO A 266 2.75 -5.83 -20.73
N ASP A 267 3.96 -6.09 -21.24
CA ASP A 267 4.11 -6.28 -22.69
C ASP A 267 3.57 -7.63 -23.11
N SER A 268 3.75 -8.67 -22.28
CA SER A 268 3.20 -9.99 -22.57
C SER A 268 1.88 -10.25 -21.87
N ASP A 269 1.42 -9.34 -21.01
CA ASP A 269 0.17 -9.51 -20.27
C ASP A 269 0.14 -10.86 -19.55
N THR A 270 1.25 -11.18 -18.87
CA THR A 270 1.35 -12.40 -18.08
C THR A 270 1.93 -12.16 -16.68
N TRP A 271 1.46 -12.95 -15.75
CA TRP A 271 2.02 -13.01 -14.42
C TRP A 271 2.89 -14.26 -14.30
N SER A 272 3.98 -14.15 -13.55
CA SER A 272 4.77 -15.33 -13.19
C SER A 272 5.17 -15.21 -11.73
N GLU A 273 5.43 -16.36 -11.09
CA GLU A 273 5.95 -16.36 -9.73
C GLU A 273 7.46 -16.18 -9.75
N VAL A 274 7.96 -15.21 -9.00
CA VAL A 274 9.37 -14.86 -9.10
C VAL A 274 10.18 -15.24 -7.86
N THR A 275 9.53 -15.41 -6.71
CA THR A 275 10.18 -15.75 -5.45
C THR A 275 9.09 -16.01 -4.42
N ARG A 276 9.52 -16.35 -3.21
CA ARG A 276 8.62 -16.49 -2.07
C ARG A 276 9.22 -15.69 -0.93
N MET A 277 8.38 -14.95 -0.21
CA MET A 277 8.78 -14.36 1.05
C MET A 277 9.18 -15.47 2.02
N THR A 278 9.94 -15.07 3.05
CA THR A 278 10.45 -16.04 3.99
C THR A 278 9.36 -16.65 4.85
N SER A 279 8.14 -16.10 4.83
CA SER A 279 7.04 -16.65 5.62
C SER A 279 5.79 -15.98 5.07
N GLY A 280 4.69 -16.72 5.01
CA GLY A 280 3.43 -16.13 4.59
C GLY A 280 2.94 -15.05 5.55
N ARG A 281 2.33 -14.01 4.99
CA ARG A 281 1.87 -12.85 5.76
C ARG A 281 0.98 -12.00 4.88
N SER A 282 0.09 -11.24 5.51
CA SER A 282 -0.74 -10.26 4.80
C SER A 282 -0.53 -8.89 5.42
N GLY A 283 -1.07 -7.86 4.77
CA GLY A 283 -1.10 -6.50 5.33
C GLY A 283 0.25 -5.85 5.44
N VAL A 284 1.17 -6.12 4.50
CA VAL A 284 2.50 -5.53 4.55
C VAL A 284 2.46 -4.16 3.92
N GLY A 285 3.50 -3.37 4.22
CA GLY A 285 3.85 -2.15 3.49
C GLY A 285 5.07 -2.40 2.63
N VAL A 286 5.08 -1.82 1.41
CA VAL A 286 6.10 -2.15 0.40
C VAL A 286 6.56 -0.88 -0.28
N ALA A 287 7.86 -0.77 -0.53
CA ALA A 287 8.38 0.32 -1.35
C ALA A 287 9.76 -0.07 -1.89
N VAL A 288 10.27 0.75 -2.79
CA VAL A 288 11.52 0.46 -3.50
C VAL A 288 12.53 1.58 -3.28
N THR A 289 13.75 1.22 -2.89
CA THR A 289 14.82 2.18 -2.75
C THR A 289 16.16 1.43 -2.85
N MET A 290 17.25 2.17 -2.63
CA MET A 290 18.60 1.62 -2.75
C MET A 290 18.82 0.43 -1.82
N GLU A 291 19.89 -0.30 -2.07
CA GLU A 291 20.27 -1.38 -1.16
C GLU A 291 21.07 -0.84 0.03
N PRO A 292 20.98 -1.51 1.17
CA PRO A 292 21.58 -0.95 2.40
C PRO A 292 23.08 -1.21 2.55
N CYS A 293 23.63 -0.81 3.69
CA CYS A 293 25.04 -1.06 4.02
C CYS A 293 25.15 -1.59 5.44
S DMS B . -17.89 12.27 4.40
O DMS B . -17.95 11.67 5.79
C1 DMS B . -16.89 13.80 4.45
C2 DMS B . -16.87 11.23 3.32
H11 DMS B . -17.39 14.53 5.03
H12 DMS B . -16.76 14.17 3.46
H13 DMS B . -15.94 13.58 4.88
H21 DMS B . -17.48 10.76 2.60
H22 DMS B . -16.37 10.51 3.91
H23 DMS B . -16.15 11.85 2.83
S DMS C . -10.58 24.92 -0.17
O DMS C . -10.65 23.88 0.90
C1 DMS C . -8.86 25.38 -0.55
C2 DMS C . -11.17 24.25 -1.76
H11 DMS C . -8.59 26.24 0.01
H12 DMS C . -8.77 25.60 -1.58
H13 DMS C . -8.21 24.58 -0.29
H21 DMS C . -12.20 24.03 -1.69
H22 DMS C . -10.64 23.36 -1.98
H23 DMS C . -11.00 24.96 -2.52
S DMS D . 12.68 1.14 -16.91
O DMS D . 13.47 0.85 -15.66
C1 DMS D . 13.81 1.48 -18.31
C2 DMS D . 11.78 -0.33 -17.51
H11 DMS D . 14.74 0.99 -18.15
H12 DMS D . 13.96 2.52 -18.40
H13 DMS D . 13.38 1.11 -19.21
H21 DMS D . 12.21 -1.20 -17.10
H22 DMS D . 11.84 -0.37 -18.57
H23 DMS D . 10.76 -0.26 -17.22
S DMS E . -10.68 -10.74 4.78
O DMS E . -9.81 -11.18 3.64
C1 DMS E . -11.58 -12.17 5.45
C2 DMS E . -9.62 -10.33 6.20
H11 DMS E . -12.23 -12.55 4.71
H12 DMS E . -12.15 -11.86 6.30
H13 DMS E . -10.89 -12.92 5.74
H21 DMS E . -8.99 -9.51 5.95
H22 DMS E . -9.00 -11.17 6.44
H23 DMS E . -10.21 -10.08 7.03
S DMS F . -8.04 21.96 4.40
O DMS F . -8.13 23.26 5.14
C1 DMS F . -9.52 21.77 3.35
C2 DMS F . -6.65 22.09 3.25
H11 DMS F . -10.35 21.50 3.94
H12 DMS F . -9.34 21.02 2.62
H13 DMS F . -9.72 22.69 2.86
H21 DMS F . -5.75 22.02 3.79
H22 DMS F . -6.70 23.02 2.75
H23 DMS F . -6.70 21.30 2.54
S DMS G . -14.33 -5.97 8.38
O DMS G . -13.28 -6.46 7.43
C1 DMS G . -15.62 -5.08 7.44
C2 DMS G . -15.31 -7.38 8.98
H11 DMS G . -15.19 -4.22 6.98
H12 DMS G . -16.38 -4.78 8.10
H13 DMS G . -16.01 -5.72 6.70
H21 DMS G . -14.70 -8.01 9.57
H22 DMS G . -15.69 -7.92 8.16
H23 DMS G . -16.11 -7.02 9.57
C1 QHN H . -12.21 -5.54 4.09
C10 QHN H . -5.48 -5.65 6.02
C11 QHN H . -4.63 -4.90 5.25
C12 QHN H . -5.14 -4.07 4.28
C13 QHN H . -6.50 -3.98 4.07
C2 QHN H . -10.91 -4.94 4.32
C3 QHN H . -9.70 -5.60 4.42
C4 QHN H . -9.40 -7.01 4.25
C5 QHN H . -8.24 -7.42 3.38
C6 QHN H . -9.62 -7.65 2.91
C7 QHN H . -10.64 -3.62 4.57
C8 QHN H . -7.35 -4.75 4.84
C9 QHN H . -6.85 -5.59 5.82
N1 QHN H . -8.75 -4.64 4.63
N2 QHN H . -9.35 -3.43 4.74
O1 QHN H . -12.38 -6.67 4.42
O2 QHN H . -13.08 -4.94 3.56
H8 QHN H . -5.14 -6.23 6.69
H9 QHN H . -3.69 -4.95 5.39
H10 QHN H . -4.55 -3.55 3.75
H11 QHN H . -6.84 -3.42 3.41
H1 QHN H . -9.55 -7.57 5.03
H3 QHN H . -7.71 -8.21 3.67
H2 QHN H . -7.72 -6.69 2.95
H5 QHN H . -9.94 -8.58 2.90
H4 QHN H . -9.95 -7.07 2.18
H6 QHN H . -11.29 -2.95 4.60
H7 QHN H . -7.43 -6.12 6.33
#